data_9P3Z
#
_entry.id   9P3Z
#
loop_
_entity.id
_entity.type
_entity.pdbx_description
1 polymer 'Zinc finger C4H2 domain-containing protein'
2 non-polymer 'ZINC ION'
#
_entity_poly.entity_id   1
_entity_poly.type   'polypeptide(L)'
_entity_poly.pdbx_seq_one_letter_code
;MKACLSCHQQIHRNAPICPLCKAKSRS
;
_entity_poly.pdbx_strand_id   A
#
# COMPACT_ATOMS: atom_id res chain seq x y z
N MET A 1 7.94 4.17 3.99
CA MET A 1 7.05 5.18 3.40
C MET A 1 6.61 4.74 2.01
N LYS A 2 5.43 4.13 1.92
CA LYS A 2 4.89 3.68 0.66
C LYS A 2 3.52 4.30 0.42
N ALA A 3 3.17 4.46 -0.84
CA ALA A 3 1.89 5.04 -1.22
C ALA A 3 0.94 3.97 -1.72
N CYS A 4 -0.12 3.77 -0.98
CA CYS A 4 -1.19 2.86 -1.35
C CYS A 4 -1.86 3.32 -2.65
N LEU A 5 -1.65 2.54 -3.72
CA LEU A 5 -2.30 2.80 -5.00
C LEU A 5 -3.57 1.96 -5.13
N SER A 6 -4.55 2.49 -5.88
CA SER A 6 -5.86 1.86 -6.07
C SER A 6 -6.69 1.85 -4.77
N CYS A 7 -6.02 2.16 -3.67
CA CYS A 7 -6.65 2.49 -2.42
C CYS A 7 -5.86 3.67 -1.86
N HIS A 8 -6.44 4.86 -1.95
CA HIS A 8 -5.66 6.10 -1.76
C HIS A 8 -5.24 6.30 -0.30
N GLN A 9 -4.08 5.76 0.05
CA GLN A 9 -3.52 5.94 1.40
C GLN A 9 -2.01 6.06 1.35
N GLN A 10 -1.43 6.70 2.34
CA GLN A 10 0.02 6.73 2.50
C GLN A 10 0.42 5.91 3.72
N ILE A 11 1.17 4.83 3.50
CA ILE A 11 1.62 4.04 4.63
C ILE A 11 3.04 4.47 5.02
N HIS A 12 3.15 5.03 6.21
CA HIS A 12 4.40 5.64 6.67
C HIS A 12 5.47 4.57 6.84
N ARG A 13 5.04 3.42 7.29
CA ARG A 13 5.89 2.25 7.34
C ARG A 13 5.13 1.12 6.67
N ASN A 14 5.82 0.06 6.30
CA ASN A 14 5.14 -1.10 5.76
C ASN A 14 4.23 -1.68 6.82
N ALA A 15 2.98 -1.28 6.75
CA ALA A 15 1.94 -1.76 7.64
C ALA A 15 1.21 -2.91 6.96
N PRO A 16 0.24 -3.56 7.63
CA PRO A 16 -0.65 -4.51 6.98
C PRO A 16 -1.10 -4.00 5.61
N ILE A 17 -0.48 -4.55 4.59
CA ILE A 17 -0.70 -4.14 3.21
C ILE A 17 -2.06 -4.63 2.76
N CYS A 18 -2.64 -3.99 1.76
CA CYS A 18 -4.00 -4.28 1.40
C CYS A 18 -4.00 -5.35 0.32
N PRO A 19 -5.04 -6.20 0.25
CA PRO A 19 -5.13 -7.26 -0.76
C PRO A 19 -4.77 -6.75 -2.16
N LEU A 20 -5.34 -5.62 -2.55
CA LEU A 20 -5.07 -5.02 -3.85
C LEU A 20 -3.73 -4.29 -3.89
N CYS A 21 -3.29 -3.78 -2.74
CA CYS A 21 -2.12 -2.91 -2.71
C CYS A 21 -0.81 -3.69 -2.61
N LYS A 22 -0.85 -4.87 -1.98
CA LYS A 22 0.33 -5.74 -1.97
C LYS A 22 0.71 -6.10 -3.40
N ALA A 23 -0.25 -5.86 -4.28
CA ALA A 23 -0.09 -6.09 -5.69
C ALA A 23 0.18 -4.78 -6.44
N LYS A 24 -0.71 -3.81 -6.25
CA LYS A 24 -0.66 -2.57 -7.02
C LYS A 24 0.41 -1.61 -6.51
N SER A 25 0.50 -1.43 -5.18
CA SER A 25 1.48 -0.49 -4.64
C SER A 25 2.84 -1.16 -4.48
N ARG A 26 2.89 -2.40 -4.98
CA ARG A 26 4.13 -3.13 -5.16
C ARG A 26 4.76 -3.55 -3.83
N SER A 27 4.39 -4.72 -3.36
CA SER A 27 4.97 -5.27 -2.14
C SER A 27 4.89 -6.78 -2.17
N MET A 1 8.46 4.72 4.68
CA MET A 1 7.11 5.16 4.25
C MET A 1 6.84 4.71 2.83
N LYS A 2 5.63 4.23 2.56
CA LYS A 2 5.27 3.78 1.23
C LYS A 2 3.99 4.49 0.75
N ALA A 3 3.66 4.34 -0.53
CA ALA A 3 2.47 4.96 -1.09
C ALA A 3 1.52 3.90 -1.66
N CYS A 4 0.24 4.04 -1.34
CA CYS A 4 -0.76 3.06 -1.68
C CYS A 4 -1.64 3.53 -2.85
N LEU A 5 -2.07 2.59 -3.68
CA LEU A 5 -2.97 2.89 -4.79
C LEU A 5 -4.28 2.14 -4.63
N SER A 6 -5.41 2.86 -4.76
CA SER A 6 -6.76 2.31 -4.65
C SER A 6 -7.11 2.05 -3.19
N CYS A 7 -6.09 2.15 -2.37
CA CYS A 7 -6.25 2.30 -0.95
C CYS A 7 -5.36 3.47 -0.57
N HIS A 8 -5.95 4.41 0.14
CA HIS A 8 -5.40 5.77 0.35
C HIS A 8 -3.89 5.89 0.55
N GLN A 9 -3.19 5.94 -0.58
CA GLN A 9 -1.88 6.61 -0.72
C GLN A 9 -0.93 6.41 0.46
N GLN A 10 -0.43 7.52 1.01
CA GLN A 10 0.74 7.52 1.87
C GLN A 10 0.53 6.71 3.15
N ILE A 11 1.21 5.58 3.21
CA ILE A 11 1.30 4.80 4.44
C ILE A 11 2.67 5.02 5.07
N HIS A 12 2.65 5.63 6.26
CA HIS A 12 3.89 5.94 6.97
C HIS A 12 4.61 4.66 7.33
N ARG A 13 3.92 3.80 8.05
CA ARG A 13 4.42 2.47 8.34
C ARG A 13 3.97 1.55 7.23
N ASN A 14 4.75 0.50 6.97
CA ASN A 14 4.35 -0.49 5.99
C ASN A 14 3.08 -1.19 6.45
N ALA A 15 1.99 -0.68 5.90
CA ALA A 15 0.64 -1.18 6.16
C ALA A 15 0.53 -2.70 6.12
N PRO A 16 -0.36 -3.26 6.96
CA PRO A 16 -0.80 -4.64 6.85
C PRO A 16 -1.12 -4.98 5.42
N ILE A 17 -0.99 -6.25 5.08
CA ILE A 17 -0.99 -6.70 3.69
C ILE A 17 -2.24 -6.21 2.94
N CYS A 18 -2.04 -5.10 2.23
CA CYS A 18 -3.06 -4.53 1.37
C CYS A 18 -3.39 -5.49 0.22
N PRO A 19 -4.64 -5.96 0.15
CA PRO A 19 -5.09 -6.87 -0.92
C PRO A 19 -4.91 -6.26 -2.32
N LEU A 20 -4.87 -4.93 -2.38
CA LEU A 20 -4.70 -4.23 -3.65
C LEU A 20 -3.24 -3.85 -3.85
N CYS A 21 -2.75 -3.03 -2.93
CA CYS A 21 -1.49 -2.32 -3.09
C CYS A 21 -0.29 -3.22 -2.94
N LYS A 22 -0.26 -4.02 -1.88
CA LYS A 22 0.88 -4.90 -1.62
C LYS A 22 0.98 -5.96 -2.71
N ALA A 23 -0.05 -6.05 -3.54
CA ALA A 23 -0.08 -7.03 -4.60
C ALA A 23 0.25 -6.43 -5.97
N LYS A 24 -0.63 -5.56 -6.46
CA LYS A 24 -0.49 -5.04 -7.82
C LYS A 24 0.23 -3.70 -7.87
N SER A 25 0.19 -2.96 -6.78
CA SER A 25 0.66 -1.58 -6.79
C SER A 25 2.15 -1.47 -6.47
N ARG A 26 2.63 -2.27 -5.51
CA ARG A 26 3.97 -2.07 -4.97
C ARG A 26 4.79 -3.34 -4.92
N SER A 27 4.37 -4.26 -4.06
CA SER A 27 5.17 -5.44 -3.77
C SER A 27 4.82 -6.61 -4.68
N MET A 1 8.26 4.79 4.70
CA MET A 1 7.14 5.46 3.98
C MET A 1 6.79 4.70 2.72
N LYS A 2 5.50 4.46 2.52
CA LYS A 2 5.03 3.84 1.30
C LYS A 2 3.71 4.49 0.86
N ALA A 3 3.57 4.65 -0.44
CA ALA A 3 2.35 5.17 -1.02
C ALA A 3 1.45 4.02 -1.46
N CYS A 4 0.20 4.11 -1.08
CA CYS A 4 -0.78 3.08 -1.40
C CYS A 4 -1.49 3.38 -2.71
N LEU A 5 -1.22 2.56 -3.71
CA LEU A 5 -1.88 2.66 -5.01
C LEU A 5 -3.05 1.68 -5.08
N SER A 6 -4.08 2.05 -5.85
CA SER A 6 -5.33 1.30 -5.98
C SER A 6 -6.19 1.47 -4.72
N CYS A 7 -5.58 1.99 -3.67
CA CYS A 7 -6.27 2.43 -2.47
C CYS A 7 -5.56 3.67 -1.99
N HIS A 8 -6.18 4.82 -2.18
CA HIS A 8 -5.51 6.12 -2.01
C HIS A 8 -5.10 6.36 -0.57
N GLN A 9 -3.95 5.86 -0.19
CA GLN A 9 -3.44 6.07 1.17
C GLN A 9 -1.94 6.32 1.17
N GLN A 10 -1.46 7.05 2.15
CA GLN A 10 -0.03 7.17 2.40
C GLN A 10 0.32 6.44 3.69
N ILE A 11 1.00 5.32 3.60
CA ILE A 11 1.30 4.56 4.81
C ILE A 11 2.72 4.84 5.27
N HIS A 12 2.81 5.43 6.47
CA HIS A 12 4.09 5.84 7.04
C HIS A 12 5.01 4.65 7.23
N ARG A 13 4.60 3.76 8.11
CA ARG A 13 5.33 2.51 8.30
C ARG A 13 4.73 1.47 7.39
N ASN A 14 5.58 0.65 6.78
CA ASN A 14 5.10 -0.44 5.97
C ASN A 14 4.35 -1.42 6.86
N ALA A 15 3.04 -1.25 6.86
CA ALA A 15 2.14 -2.07 7.65
C ALA A 15 1.63 -3.24 6.84
N PRO A 16 0.83 -4.16 7.42
CA PRO A 16 0.09 -5.15 6.67
C PRO A 16 -0.46 -4.57 5.38
N ILE A 17 0.16 -4.97 4.29
CA ILE A 17 -0.16 -4.44 2.98
C ILE A 17 -1.59 -4.80 2.60
N CYS A 18 -2.21 -4.03 1.73
CA CYS A 18 -3.64 -4.19 1.48
C CYS A 18 -3.83 -5.31 0.47
N PRO A 19 -4.95 -6.03 0.50
CA PRO A 19 -5.24 -7.10 -0.47
C PRO A 19 -4.98 -6.65 -1.91
N LEU A 20 -5.42 -5.44 -2.21
CA LEU A 20 -5.27 -4.88 -3.55
C LEU A 20 -3.93 -4.16 -3.73
N CYS A 21 -3.29 -3.79 -2.63
CA CYS A 21 -2.05 -3.01 -2.72
C CYS A 21 -0.81 -3.88 -2.67
N LYS A 22 -0.95 -5.09 -2.17
CA LYS A 22 0.13 -6.06 -2.27
C LYS A 22 0.32 -6.41 -3.73
N ALA A 23 -0.71 -6.08 -4.50
CA ALA A 23 -0.76 -6.33 -5.91
C ALA A 23 -0.46 -5.06 -6.73
N LYS A 24 -1.37 -4.09 -6.67
CA LYS A 24 -1.28 -2.91 -7.52
C LYS A 24 -0.33 -1.86 -6.96
N SER A 25 -0.04 -1.93 -5.67
CA SER A 25 0.93 -1.02 -5.08
C SER A 25 2.31 -1.67 -5.06
N ARG A 26 2.36 -2.87 -5.66
CA ARG A 26 3.60 -3.55 -6.00
C ARG A 26 4.45 -3.87 -4.77
N SER A 27 3.85 -4.53 -3.80
CA SER A 27 4.58 -4.97 -2.62
C SER A 27 4.07 -6.34 -2.17
N MET A 1 8.16 6.08 3.22
CA MET A 1 6.77 5.57 3.26
C MET A 1 6.40 4.98 1.92
N LYS A 2 5.39 4.13 1.91
CA LYS A 2 4.88 3.59 0.67
C LYS A 2 3.52 4.21 0.36
N ALA A 3 3.05 4.02 -0.86
CA ALA A 3 1.83 4.64 -1.31
C ALA A 3 0.82 3.57 -1.71
N CYS A 4 -0.29 3.57 -1.01
CA CYS A 4 -1.41 2.70 -1.31
C CYS A 4 -2.07 3.14 -2.62
N LEU A 5 -1.84 2.36 -3.68
CA LEU A 5 -2.47 2.61 -4.97
C LEU A 5 -3.79 1.86 -5.07
N SER A 6 -4.75 2.45 -5.80
CA SER A 6 -6.09 1.90 -5.97
C SER A 6 -6.92 2.03 -4.69
N CYS A 7 -6.26 2.39 -3.61
CA CYS A 7 -6.90 2.78 -2.37
C CYS A 7 -6.03 3.86 -1.77
N HIS A 8 -6.50 5.10 -1.82
CA HIS A 8 -5.65 6.26 -1.54
C HIS A 8 -5.18 6.31 -0.10
N GLN A 9 -4.06 5.66 0.19
CA GLN A 9 -3.42 5.80 1.50
C GLN A 9 -1.92 6.01 1.35
N GLN A 10 -1.32 6.69 2.32
CA GLN A 10 0.12 6.74 2.46
C GLN A 10 0.55 5.97 3.68
N ILE A 11 1.18 4.81 3.48
CA ILE A 11 1.59 4.00 4.61
C ILE A 11 3.04 4.32 4.96
N HIS A 12 3.24 4.91 6.14
CA HIS A 12 4.56 5.39 6.55
C HIS A 12 5.47 4.23 6.88
N ARG A 13 5.13 3.49 7.92
CA ARG A 13 5.77 2.22 8.16
C ARG A 13 5.09 1.16 7.32
N ASN A 14 5.87 0.27 6.73
CA ASN A 14 5.33 -0.81 5.93
C ASN A 14 4.47 -1.71 6.79
N ALA A 15 3.18 -1.45 6.77
CA ALA A 15 2.19 -2.22 7.48
C ALA A 15 1.59 -3.27 6.55
N PRO A 16 0.69 -4.15 7.01
CA PRO A 16 -0.02 -5.06 6.13
C PRO A 16 -0.78 -4.31 5.04
N ILE A 17 -0.19 -4.30 3.87
CA ILE A 17 -0.74 -3.61 2.72
C ILE A 17 -2.01 -4.32 2.25
N CYS A 18 -2.87 -3.63 1.51
CA CYS A 18 -4.21 -4.10 1.29
C CYS A 18 -4.20 -5.16 0.20
N PRO A 19 -5.16 -6.10 0.19
CA PRO A 19 -5.24 -7.18 -0.81
C PRO A 19 -4.93 -6.69 -2.23
N LEU A 20 -5.55 -5.58 -2.62
CA LEU A 20 -5.29 -4.99 -3.92
C LEU A 20 -3.96 -4.24 -3.95
N CYS A 21 -3.71 -3.43 -2.92
CA CYS A 21 -2.57 -2.51 -2.93
C CYS A 21 -1.24 -3.22 -2.79
N LYS A 22 -1.18 -4.24 -1.94
CA LYS A 22 0.07 -4.94 -1.68
C LYS A 22 0.72 -5.36 -2.97
N ALA A 23 -0.13 -5.62 -3.95
CA ALA A 23 0.30 -6.18 -5.20
C ALA A 23 0.45 -5.09 -6.26
N LYS A 24 -0.54 -4.21 -6.35
CA LYS A 24 -0.52 -3.15 -7.36
C LYS A 24 0.47 -2.05 -6.99
N SER A 25 0.83 -1.98 -5.72
CA SER A 25 1.75 -0.97 -5.25
C SER A 25 3.18 -1.51 -5.18
N ARG A 26 3.46 -2.40 -4.23
CA ARG A 26 4.84 -2.84 -3.99
C ARG A 26 4.95 -4.30 -3.59
N SER A 27 4.66 -4.58 -2.33
CA SER A 27 5.07 -5.84 -1.70
C SER A 27 3.90 -6.82 -1.60
N MET A 1 8.22 6.59 4.18
CA MET A 1 6.81 6.27 3.89
C MET A 1 6.64 5.89 2.43
N LYS A 2 5.58 5.16 2.13
CA LYS A 2 5.25 4.79 0.77
C LYS A 2 3.80 5.16 0.46
N ALA A 3 3.47 5.22 -0.81
CA ALA A 3 2.13 5.59 -1.23
C ALA A 3 1.31 4.35 -1.60
N CYS A 4 0.19 4.20 -0.94
CA CYS A 4 -0.75 3.13 -1.21
C CYS A 4 -1.52 3.44 -2.49
N LEU A 5 -1.17 2.73 -3.57
CA LEU A 5 -1.83 2.93 -4.86
C LEU A 5 -2.99 1.95 -5.03
N SER A 6 -4.06 2.42 -5.68
CA SER A 6 -5.29 1.65 -5.91
C SER A 6 -6.12 1.56 -4.64
N CYS A 7 -5.51 1.94 -3.53
CA CYS A 7 -6.22 2.16 -2.27
C CYS A 7 -5.65 3.42 -1.67
N HIS A 8 -6.41 4.51 -1.72
CA HIS A 8 -5.90 5.85 -1.40
C HIS A 8 -5.38 5.94 0.03
N GLN A 9 -4.12 5.58 0.22
CA GLN A 9 -3.47 5.78 1.51
C GLN A 9 -2.02 6.19 1.34
N GLN A 10 -1.47 6.86 2.33
CA GLN A 10 -0.03 7.03 2.45
C GLN A 10 0.45 6.22 3.63
N ILE A 11 1.19 5.15 3.37
CA ILE A 11 1.62 4.29 4.46
C ILE A 11 2.98 4.77 4.97
N HIS A 12 2.99 5.25 6.21
CA HIS A 12 4.19 5.82 6.80
C HIS A 12 5.26 4.77 6.93
N ARG A 13 4.80 3.56 7.12
CA ARG A 13 5.64 2.38 7.09
C ARG A 13 4.86 1.28 6.43
N ASN A 14 5.54 0.29 5.88
CA ASN A 14 4.87 -0.85 5.27
C ASN A 14 4.07 -1.60 6.32
N ALA A 15 2.79 -1.26 6.38
CA ALA A 15 1.84 -1.91 7.26
C ALA A 15 1.33 -3.19 6.60
N PRO A 16 0.45 -3.98 7.27
CA PRO A 16 -0.19 -5.14 6.64
C PRO A 16 -0.62 -4.87 5.21
N ILE A 17 -0.42 -5.85 4.35
CA ILE A 17 -0.61 -5.69 2.93
C ILE A 17 -2.10 -5.52 2.62
N CYS A 18 -2.43 -4.80 1.55
CA CYS A 18 -3.82 -4.49 1.28
C CYS A 18 -4.38 -5.50 0.30
N PRO A 19 -5.69 -5.78 0.36
CA PRO A 19 -6.36 -6.64 -0.62
C PRO A 19 -6.16 -6.13 -2.04
N LEU A 20 -5.89 -4.83 -2.15
CA LEU A 20 -5.63 -4.19 -3.43
C LEU A 20 -4.13 -4.05 -3.65
N CYS A 21 -3.45 -3.45 -2.69
CA CYS A 21 -2.07 -3.06 -2.85
C CYS A 21 -1.09 -4.21 -2.76
N LYS A 22 -1.55 -5.40 -2.38
CA LYS A 22 -0.66 -6.56 -2.38
C LYS A 22 -0.08 -6.74 -3.76
N ALA A 23 -0.83 -6.25 -4.73
CA ALA A 23 -0.41 -6.24 -6.11
C ALA A 23 0.05 -4.85 -6.54
N LYS A 24 -0.67 -3.83 -6.11
CA LYS A 24 -0.50 -2.48 -6.64
C LYS A 24 0.63 -1.68 -5.98
N SER A 25 0.90 -1.89 -4.69
CA SER A 25 2.02 -1.21 -4.06
C SER A 25 3.29 -2.00 -4.35
N ARG A 26 3.09 -3.17 -4.94
CA ARG A 26 4.17 -4.00 -5.47
C ARG A 26 5.09 -4.47 -4.36
N SER A 27 4.51 -4.74 -3.20
CA SER A 27 5.27 -5.21 -2.06
C SER A 27 4.98 -6.70 -1.80
N MET A 1 8.44 5.14 3.51
CA MET A 1 6.99 5.24 3.30
C MET A 1 6.59 4.52 2.02
N LYS A 2 5.46 3.85 2.04
CA LYS A 2 4.95 3.22 0.84
C LYS A 2 3.63 3.88 0.43
N ALA A 3 3.37 3.89 -0.86
CA ALA A 3 2.22 4.59 -1.40
C ALA A 3 1.16 3.60 -1.88
N CYS A 4 0.06 3.58 -1.15
CA CYS A 4 -1.09 2.74 -1.45
C CYS A 4 -1.77 3.20 -2.75
N LEU A 5 -1.63 2.40 -3.81
CA LEU A 5 -2.30 2.67 -5.07
C LEU A 5 -3.58 1.84 -5.17
N SER A 6 -4.57 2.36 -5.90
CA SER A 6 -5.91 1.75 -6.03
C SER A 6 -6.68 1.80 -4.72
N CYS A 7 -5.98 2.14 -3.65
CA CYS A 7 -6.57 2.50 -2.38
C CYS A 7 -5.76 3.68 -1.88
N HIS A 8 -6.34 4.87 -1.96
CA HIS A 8 -5.57 6.10 -1.80
C HIS A 8 -5.07 6.30 -0.38
N GLN A 9 -3.90 5.77 -0.09
CA GLN A 9 -3.27 5.94 1.22
C GLN A 9 -1.76 6.06 1.09
N GLN A 10 -1.15 6.77 2.01
CA GLN A 10 0.29 6.75 2.16
C GLN A 10 0.64 6.02 3.45
N ILE A 11 1.22 4.84 3.35
CA ILE A 11 1.53 4.11 4.57
C ILE A 11 2.95 4.44 4.99
N HIS A 12 3.04 5.11 6.15
CA HIS A 12 4.29 5.67 6.63
C HIS A 12 5.24 4.56 7.03
N ARG A 13 4.74 3.69 7.87
CA ARG A 13 5.45 2.48 8.21
C ARG A 13 4.84 1.35 7.40
N ASN A 14 5.67 0.40 6.97
CA ASN A 14 5.17 -0.76 6.26
C ASN A 14 4.27 -1.56 7.18
N ALA A 15 2.98 -1.29 7.05
CA ALA A 15 1.95 -1.97 7.83
C ALA A 15 1.39 -3.14 7.04
N PRO A 16 0.44 -3.92 7.60
CA PRO A 16 -0.29 -4.93 6.84
C PRO A 16 -0.79 -4.38 5.52
N ILE A 17 -0.36 -5.01 4.45
CA ILE A 17 -0.62 -4.54 3.10
C ILE A 17 -2.05 -4.86 2.72
N CYS A 18 -2.60 -4.15 1.74
CA CYS A 18 -4.01 -4.31 1.43
C CYS A 18 -4.16 -5.38 0.37
N PRO A 19 -5.30 -6.10 0.32
CA PRO A 19 -5.54 -7.17 -0.65
C PRO A 19 -5.14 -6.76 -2.06
N LEU A 20 -5.50 -5.54 -2.44
CA LEU A 20 -5.18 -5.02 -3.75
C LEU A 20 -3.82 -4.34 -3.79
N CYS A 21 -3.40 -3.75 -2.67
CA CYS A 21 -2.20 -2.93 -2.66
C CYS A 21 -0.93 -3.75 -2.57
N LYS A 22 -1.01 -4.97 -2.08
CA LYS A 22 0.14 -5.87 -2.12
C LYS A 22 0.51 -6.12 -3.58
N ALA A 23 -0.44 -5.83 -4.44
CA ALA A 23 -0.29 -5.92 -5.85
C ALA A 23 -0.02 -4.55 -6.47
N LYS A 24 -0.98 -3.64 -6.29
CA LYS A 24 -0.95 -2.32 -6.91
C LYS A 24 0.18 -1.45 -6.38
N SER A 25 0.43 -1.52 -5.08
CA SER A 25 1.44 -0.67 -4.45
C SER A 25 2.83 -1.25 -4.65
N ARG A 26 2.86 -2.43 -5.29
CA ARG A 26 4.10 -3.12 -5.63
C ARG A 26 4.91 -3.42 -4.37
N SER A 27 4.22 -3.93 -3.37
CA SER A 27 4.83 -4.22 -2.08
C SER A 27 5.72 -5.46 -2.16
N MET A 1 8.29 3.05 4.04
CA MET A 1 7.28 4.07 3.68
C MET A 1 6.97 4.02 2.19
N LYS A 2 5.70 3.99 1.84
CA LYS A 2 5.29 3.89 0.46
C LYS A 2 3.91 4.50 0.29
N ALA A 3 3.32 4.33 -0.88
CA ALA A 3 1.99 4.88 -1.14
C ALA A 3 1.02 3.80 -1.57
N CYS A 4 -0.12 3.77 -0.89
CA CYS A 4 -1.22 2.89 -1.25
C CYS A 4 -1.79 3.30 -2.60
N LEU A 5 -1.67 2.41 -3.58
CA LEU A 5 -2.34 2.61 -4.85
C LEU A 5 -3.69 1.87 -4.83
N SER A 6 -4.69 2.47 -5.46
CA SER A 6 -6.07 1.97 -5.46
C SER A 6 -6.73 2.07 -4.07
N CYS A 7 -5.93 2.31 -3.05
CA CYS A 7 -6.40 2.93 -1.82
C CYS A 7 -5.67 4.24 -1.75
N HIS A 8 -6.32 5.38 -1.98
CA HIS A 8 -5.58 6.64 -1.95
C HIS A 8 -5.05 6.92 -0.55
N GLN A 9 -3.92 6.30 -0.22
CA GLN A 9 -3.32 6.48 1.09
C GLN A 9 -1.81 6.47 1.00
N GLN A 10 -1.16 7.07 1.97
CA GLN A 10 0.29 6.98 2.12
C GLN A 10 0.63 6.15 3.33
N ILE A 11 1.29 5.02 3.14
CA ILE A 11 1.69 4.21 4.28
C ILE A 11 3.09 4.64 4.72
N HIS A 12 3.14 5.22 5.90
CA HIS A 12 4.38 5.77 6.43
C HIS A 12 5.16 4.67 7.10
N ARG A 13 4.54 4.05 8.08
CA ARG A 13 4.97 2.76 8.56
C ARG A 13 4.25 1.71 7.73
N ASN A 14 5.00 0.87 7.04
CA ASN A 14 4.40 -0.15 6.20
C ASN A 14 3.59 -1.11 7.05
N ALA A 15 2.30 -0.85 7.09
CA ALA A 15 1.35 -1.71 7.78
C ALA A 15 1.07 -2.94 6.92
N PRO A 16 0.33 -3.95 7.46
CA PRO A 16 -0.14 -5.08 6.68
C PRO A 16 -0.57 -4.68 5.27
N ILE A 17 0.19 -5.16 4.30
CA ILE A 17 -0.03 -4.84 2.90
C ILE A 17 -1.45 -5.24 2.49
N CYS A 18 -2.07 -4.47 1.60
CA CYS A 18 -3.49 -4.63 1.36
C CYS A 18 -3.69 -5.78 0.39
N PRO A 19 -4.84 -6.46 0.46
CA PRO A 19 -5.20 -7.52 -0.50
C PRO A 19 -4.95 -7.07 -1.94
N LEU A 20 -5.18 -5.78 -2.21
CA LEU A 20 -4.98 -5.25 -3.54
C LEU A 20 -3.61 -4.57 -3.68
N CYS A 21 -3.03 -4.12 -2.57
CA CYS A 21 -1.78 -3.35 -2.64
C CYS A 21 -0.55 -4.23 -2.78
N LYS A 22 -0.66 -5.48 -2.34
CA LYS A 22 0.41 -6.44 -2.60
C LYS A 22 0.61 -6.57 -4.10
N ALA A 23 -0.41 -6.13 -4.82
CA ALA A 23 -0.42 -6.08 -6.25
C ALA A 23 -0.14 -4.65 -6.76
N LYS A 24 -1.09 -3.76 -6.49
CA LYS A 24 -1.08 -2.40 -7.05
C LYS A 24 0.12 -1.58 -6.58
N SER A 25 0.36 -1.52 -5.27
CA SER A 25 1.43 -0.69 -4.75
C SER A 25 2.76 -1.43 -4.81
N ARG A 26 2.71 -2.61 -5.41
CA ARG A 26 3.92 -3.38 -5.73
C ARG A 26 4.70 -3.69 -4.47
N SER A 27 3.98 -3.90 -3.38
CA SER A 27 4.59 -4.14 -2.08
C SER A 27 4.49 -5.62 -1.70
N MET A 1 8.19 5.10 3.91
CA MET A 1 7.02 5.75 3.26
C MET A 1 6.66 5.02 1.98
N LYS A 2 5.55 4.29 2.00
CA LYS A 2 5.04 3.66 0.79
C LYS A 2 3.68 4.25 0.46
N ALA A 3 3.25 4.04 -0.77
CA ALA A 3 2.03 4.64 -1.25
C ALA A 3 1.03 3.57 -1.64
N CYS A 4 -0.12 3.60 -1.01
CA CYS A 4 -1.22 2.72 -1.33
C CYS A 4 -1.90 3.17 -2.61
N LEU A 5 -1.66 2.44 -3.69
CA LEU A 5 -2.37 2.68 -4.94
C LEU A 5 -3.56 1.74 -5.05
N SER A 6 -4.58 2.18 -5.79
CA SER A 6 -5.86 1.47 -5.94
C SER A 6 -6.70 1.61 -4.66
N CYS A 7 -6.05 2.09 -3.61
CA CYS A 7 -6.71 2.51 -2.39
C CYS A 7 -5.91 3.69 -1.85
N HIS A 8 -6.46 4.88 -2.00
CA HIS A 8 -5.70 6.12 -1.79
C HIS A 8 -5.26 6.29 -0.34
N GLN A 9 -4.12 5.70 0.01
CA GLN A 9 -3.53 5.89 1.33
C GLN A 9 -2.02 5.99 1.24
N GLN A 10 -1.41 6.67 2.20
CA GLN A 10 0.03 6.69 2.34
C GLN A 10 0.45 5.92 3.58
N ILE A 11 1.11 4.80 3.40
CA ILE A 11 1.54 4.02 4.55
C ILE A 11 2.95 4.44 4.94
N HIS A 12 3.07 5.03 6.12
CA HIS A 12 4.31 5.66 6.57
C HIS A 12 5.40 4.61 6.74
N ARG A 13 5.01 3.47 7.24
CA ARG A 13 5.86 2.32 7.32
C ARG A 13 5.18 1.18 6.59
N ASN A 14 5.92 0.15 6.25
CA ASN A 14 5.29 -1.04 5.70
C ASN A 14 4.36 -1.66 6.74
N ALA A 15 3.11 -1.32 6.60
CA ALA A 15 2.05 -1.83 7.45
C ALA A 15 1.38 -3.00 6.74
N PRO A 16 0.40 -3.68 7.37
CA PRO A 16 -0.41 -4.68 6.67
C PRO A 16 -0.96 -4.15 5.37
N ILE A 17 -0.32 -4.56 4.29
CA ILE A 17 -0.68 -4.09 2.96
C ILE A 17 -2.06 -4.62 2.59
N CYS A 18 -2.74 -3.96 1.66
CA CYS A 18 -4.11 -4.31 1.38
C CYS A 18 -4.12 -5.36 0.27
N PRO A 19 -5.14 -6.22 0.18
CA PRO A 19 -5.21 -7.26 -0.86
C PRO A 19 -4.92 -6.70 -2.25
N LEU A 20 -5.53 -5.57 -2.57
CA LEU A 20 -5.35 -4.93 -3.87
C LEU A 20 -4.05 -4.12 -3.92
N CYS A 21 -3.51 -3.77 -2.75
CA CYS A 21 -2.36 -2.89 -2.69
C CYS A 21 -1.05 -3.63 -2.56
N LYS A 22 -1.08 -4.88 -2.13
CA LYS A 22 0.15 -5.67 -2.13
C LYS A 22 0.62 -5.83 -3.56
N ALA A 23 -0.32 -5.61 -4.46
CA ALA A 23 -0.10 -5.62 -5.88
C ALA A 23 0.33 -4.24 -6.39
N LYS A 24 -0.54 -3.27 -6.19
CA LYS A 24 -0.35 -1.92 -6.75
C LYS A 24 0.68 -1.09 -5.97
N SER A 25 0.77 -1.31 -4.67
CA SER A 25 1.75 -0.60 -3.84
C SER A 25 3.08 -1.33 -3.91
N ARG A 26 3.03 -2.51 -4.53
CA ARG A 26 4.21 -3.32 -4.83
C ARG A 26 4.82 -3.93 -3.57
N SER A 27 4.20 -5.00 -3.10
CA SER A 27 4.70 -5.75 -1.96
C SER A 27 4.42 -7.24 -2.17
N MET A 1 8.14 6.38 3.58
CA MET A 1 6.69 6.04 3.55
C MET A 1 6.36 5.36 2.24
N LYS A 2 5.40 4.45 2.28
CA LYS A 2 5.00 3.71 1.09
C LYS A 2 3.65 4.23 0.61
N ALA A 3 3.45 4.23 -0.70
CA ALA A 3 2.23 4.73 -1.29
C ALA A 3 1.27 3.59 -1.60
N CYS A 4 0.08 3.70 -1.05
CA CYS A 4 -1.00 2.78 -1.34
C CYS A 4 -1.67 3.18 -2.65
N LEU A 5 -1.48 2.35 -3.69
CA LEU A 5 -2.07 2.61 -5.00
C LEU A 5 -3.38 1.85 -5.16
N SER A 6 -4.35 2.50 -5.84
CA SER A 6 -5.68 1.96 -6.08
C SER A 6 -6.52 1.97 -4.79
N CYS A 7 -5.85 2.17 -3.67
CA CYS A 7 -6.48 2.56 -2.43
C CYS A 7 -5.68 3.73 -1.91
N HIS A 8 -6.24 4.92 -2.04
CA HIS A 8 -5.48 6.16 -1.90
C HIS A 8 -5.03 6.39 -0.46
N GLN A 9 -3.89 5.82 -0.11
CA GLN A 9 -3.34 6.02 1.22
C GLN A 9 -1.82 6.14 1.17
N GLN A 10 -1.26 6.85 2.12
CA GLN A 10 0.18 6.86 2.32
C GLN A 10 0.51 6.12 3.60
N ILE A 11 1.14 4.97 3.50
CA ILE A 11 1.45 4.20 4.68
C ILE A 11 2.86 4.55 5.17
N HIS A 12 2.90 5.15 6.34
CA HIS A 12 4.13 5.71 6.89
C HIS A 12 5.09 4.60 7.24
N ARG A 13 4.69 3.75 8.17
CA ARG A 13 5.42 2.54 8.45
C ARG A 13 4.80 1.43 7.63
N ASN A 14 5.64 0.63 6.99
CA ASN A 14 5.15 -0.45 6.15
C ASN A 14 4.40 -1.47 6.99
N ALA A 15 3.09 -1.32 6.99
CA ALA A 15 2.18 -2.21 7.69
C ALA A 15 1.71 -3.30 6.74
N PRO A 16 0.89 -4.28 7.19
CA PRO A 16 0.26 -5.24 6.29
C PRO A 16 -0.38 -4.55 5.10
N ILE A 17 0.08 -4.90 3.92
CA ILE A 17 -0.37 -4.27 2.70
C ILE A 17 -1.78 -4.75 2.37
N CYS A 18 -2.52 -3.97 1.59
CA CYS A 18 -3.94 -4.22 1.43
C CYS A 18 -4.15 -5.33 0.41
N PRO A 19 -5.26 -6.07 0.49
CA PRO A 19 -5.60 -7.13 -0.47
C PRO A 19 -5.27 -6.75 -1.91
N LEU A 20 -5.63 -5.52 -2.28
CA LEU A 20 -5.41 -5.05 -3.64
C LEU A 20 -4.09 -4.26 -3.77
N CYS A 21 -3.55 -3.79 -2.65
CA CYS A 21 -2.34 -2.97 -2.69
C CYS A 21 -1.08 -3.83 -2.62
N LYS A 22 -1.20 -5.07 -2.16
CA LYS A 22 -0.08 -6.00 -2.22
C LYS A 22 0.27 -6.24 -3.68
N ALA A 23 -0.68 -5.87 -4.52
CA ALA A 23 -0.56 -5.97 -5.95
C ALA A 23 -0.17 -4.63 -6.55
N LYS A 24 -1.06 -3.64 -6.41
CA LYS A 24 -0.86 -2.31 -6.99
C LYS A 24 0.35 -1.59 -6.40
N SER A 25 0.55 -1.71 -5.09
CA SER A 25 1.68 -1.04 -4.44
C SER A 25 2.95 -1.89 -4.54
N ARG A 26 2.87 -2.96 -5.32
CA ARG A 26 4.04 -3.74 -5.72
C ARG A 26 4.79 -4.29 -4.51
N SER A 27 4.07 -4.74 -3.51
CA SER A 27 4.67 -5.22 -2.28
C SER A 27 4.74 -6.74 -2.27
N MET A 1 8.13 6.10 3.17
CA MET A 1 6.72 5.65 3.07
C MET A 1 6.48 4.93 1.75
N LYS A 2 5.47 4.07 1.73
CA LYS A 2 5.08 3.39 0.51
C LYS A 2 3.69 3.88 0.07
N ALA A 3 3.29 3.53 -1.13
CA ALA A 3 2.08 4.05 -1.72
C ALA A 3 0.96 3.02 -1.75
N CYS A 4 -0.18 3.41 -1.25
CA CYS A 4 -1.38 2.59 -1.25
C CYS A 4 -2.28 3.06 -2.38
N LEU A 5 -2.33 2.28 -3.46
CA LEU A 5 -3.12 2.65 -4.65
C LEU A 5 -4.49 1.97 -4.64
N SER A 6 -5.42 2.53 -5.42
CA SER A 6 -6.83 2.08 -5.49
C SER A 6 -7.55 2.35 -4.17
N CYS A 7 -6.76 2.65 -3.17
CA CYS A 7 -7.22 3.15 -1.90
C CYS A 7 -6.25 4.25 -1.52
N HIS A 8 -6.68 5.49 -1.59
CA HIS A 8 -5.75 6.61 -1.55
C HIS A 8 -5.14 6.81 -0.16
N GLN A 9 -4.08 6.04 0.14
CA GLN A 9 -3.35 6.25 1.36
C GLN A 9 -1.85 6.17 1.10
N GLN A 10 -1.09 6.86 1.92
CA GLN A 10 0.36 6.70 1.92
C GLN A 10 0.76 6.00 3.20
N ILE A 11 1.31 4.81 3.09
CA ILE A 11 1.63 4.05 4.30
C ILE A 11 3.08 4.36 4.71
N HIS A 12 3.21 5.00 5.87
CA HIS A 12 4.50 5.47 6.37
C HIS A 12 5.48 4.31 6.47
N ARG A 13 5.01 3.25 7.09
CA ARG A 13 5.78 2.02 7.19
C ARG A 13 4.98 0.92 6.50
N ASN A 14 5.66 -0.12 6.07
CA ASN A 14 5.00 -1.27 5.49
C ASN A 14 4.11 -1.94 6.51
N ALA A 15 2.85 -1.57 6.49
CA ALA A 15 1.83 -2.13 7.35
C ALA A 15 1.07 -3.21 6.58
N PRO A 16 0.14 -3.95 7.23
CA PRO A 16 -0.79 -4.84 6.53
C PRO A 16 -1.28 -4.24 5.23
N ILE A 17 -0.71 -4.70 4.14
CA ILE A 17 -0.98 -4.16 2.82
C ILE A 17 -2.34 -4.63 2.34
N CYS A 18 -2.93 -3.90 1.39
CA CYS A 18 -4.33 -4.14 1.04
C CYS A 18 -4.42 -5.28 0.06
N PRO A 19 -5.61 -5.91 -0.08
CA PRO A 19 -5.83 -7.00 -1.03
C PRO A 19 -5.19 -6.73 -2.39
N LEU A 20 -5.38 -5.52 -2.91
CA LEU A 20 -4.80 -5.15 -4.19
C LEU A 20 -3.45 -4.45 -4.01
N CYS A 21 -3.22 -3.85 -2.85
CA CYS A 21 -2.00 -3.08 -2.64
C CYS A 21 -0.81 -3.99 -2.35
N LYS A 22 -1.05 -5.24 -1.97
CA LYS A 22 0.05 -6.19 -1.87
C LYS A 22 0.71 -6.33 -3.24
N ALA A 23 -0.04 -5.90 -4.24
CA ALA A 23 0.42 -5.85 -5.61
C ALA A 23 0.83 -4.42 -5.98
N LYS A 24 -0.12 -3.49 -5.84
CA LYS A 24 0.07 -2.11 -6.29
C LYS A 24 1.06 -1.32 -5.43
N SER A 25 1.18 -1.68 -4.16
CA SER A 25 2.16 -1.02 -3.28
C SER A 25 3.55 -1.57 -3.54
N ARG A 26 3.60 -2.59 -4.41
CA ARG A 26 4.85 -3.09 -4.95
C ARG A 26 5.77 -3.61 -3.84
N SER A 27 5.18 -4.14 -2.79
CA SER A 27 5.93 -4.62 -1.65
C SER A 27 5.70 -6.11 -1.43
N MET A 1 4.98 1.56 3.29
CA MET A 1 6.31 2.10 2.99
C MET A 1 6.23 3.10 1.85
N LYS A 2 4.99 3.37 1.44
CA LYS A 2 4.72 4.33 0.37
C LYS A 2 3.23 4.66 0.35
N ALA A 3 2.84 5.52 -0.58
CA ALA A 3 1.44 5.85 -0.78
C ALA A 3 0.82 4.87 -1.76
N CYS A 4 -0.03 3.99 -1.25
CA CYS A 4 -0.56 2.91 -2.06
C CYS A 4 -1.66 3.38 -3.00
N LEU A 5 -1.71 2.77 -4.19
CA LEU A 5 -2.61 3.19 -5.27
C LEU A 5 -3.81 2.25 -5.41
N SER A 6 -4.88 2.76 -6.01
CA SER A 6 -6.17 2.05 -6.16
C SER A 6 -6.85 1.87 -4.79
N CYS A 7 -6.07 2.09 -3.76
CA CYS A 7 -6.53 2.36 -2.41
C CYS A 7 -5.51 3.32 -1.84
N HIS A 8 -5.88 4.59 -1.76
CA HIS A 8 -4.93 5.64 -1.45
C HIS A 8 -4.60 5.67 0.03
N GLN A 9 -3.57 4.94 0.43
CA GLN A 9 -3.13 5.00 1.82
C GLN A 9 -1.64 5.30 1.90
N GLN A 10 -1.29 6.45 2.46
CA GLN A 10 0.10 6.78 2.68
C GLN A 10 0.60 6.04 3.90
N ILE A 11 1.40 5.03 3.70
CA ILE A 11 1.93 4.27 4.81
C ILE A 11 3.44 4.39 4.84
N HIS A 12 3.95 5.03 5.88
CA HIS A 12 5.39 5.27 6.00
C HIS A 12 6.11 3.96 6.16
N ARG A 13 5.57 3.14 7.04
CA ARG A 13 6.02 1.78 7.18
C ARG A 13 5.07 0.91 6.39
N ASN A 14 5.50 -0.28 6.00
CA ASN A 14 4.59 -1.25 5.44
C ASN A 14 3.56 -1.63 6.50
N ALA A 15 2.43 -0.95 6.43
CA ALA A 15 1.30 -1.18 7.32
C ALA A 15 0.64 -2.54 7.04
N PRO A 16 -0.40 -2.94 7.81
CA PRO A 16 -1.18 -4.14 7.52
C PRO A 16 -1.44 -4.33 6.04
N ILE A 17 -1.48 -5.58 5.63
CA ILE A 17 -1.49 -5.95 4.23
C ILE A 17 -2.63 -5.28 3.47
N CYS A 18 -2.29 -4.51 2.46
CA CYS A 18 -3.28 -3.94 1.58
C CYS A 18 -3.56 -4.96 0.49
N PRO A 19 -4.78 -5.56 0.50
CA PRO A 19 -5.11 -6.72 -0.33
C PRO A 19 -4.64 -6.59 -1.78
N LEU A 20 -4.81 -5.39 -2.33
CA LEU A 20 -4.47 -5.15 -3.72
C LEU A 20 -3.15 -4.38 -3.84
N CYS A 21 -2.86 -3.53 -2.86
CA CYS A 21 -1.76 -2.58 -3.00
C CYS A 21 -0.40 -3.23 -2.82
N LYS A 22 -0.28 -4.18 -1.91
CA LYS A 22 1.02 -4.84 -1.73
C LYS A 22 1.37 -5.62 -2.98
N ALA A 23 0.38 -5.82 -3.82
CA ALA A 23 0.55 -6.52 -5.07
C ALA A 23 0.68 -5.54 -6.25
N LYS A 24 -0.38 -4.78 -6.50
CA LYS A 24 -0.39 -3.83 -7.61
C LYS A 24 0.44 -2.58 -7.32
N SER A 25 0.29 -2.00 -6.13
CA SER A 25 0.99 -0.77 -5.77
C SER A 25 2.44 -1.06 -5.37
N ARG A 26 2.79 -2.35 -5.43
CA ARG A 26 4.15 -2.81 -5.24
C ARG A 26 4.61 -2.61 -3.79
N SER A 27 3.69 -2.83 -2.86
CA SER A 27 3.99 -2.77 -1.43
C SER A 27 4.34 -1.36 -0.98
N MET A 1 8.53 5.58 3.42
CA MET A 1 7.05 5.52 3.29
C MET A 1 6.66 5.21 1.86
N LYS A 2 5.44 4.72 1.68
CA LYS A 2 4.94 4.47 0.36
C LYS A 2 3.50 4.94 0.24
N ALA A 3 3.04 5.12 -0.98
CA ALA A 3 1.68 5.51 -1.23
C ALA A 3 0.85 4.32 -1.68
N CYS A 4 -0.19 4.04 -0.93
CA CYS A 4 -1.16 3.02 -1.28
C CYS A 4 -1.93 3.45 -2.52
N LEU A 5 -1.63 2.79 -3.64
CA LEU A 5 -2.31 3.07 -4.89
C LEU A 5 -3.53 2.17 -5.04
N SER A 6 -4.53 2.64 -5.78
CA SER A 6 -5.81 1.95 -5.97
C SER A 6 -6.66 1.96 -4.69
N CYS A 7 -6.01 2.33 -3.60
CA CYS A 7 -6.68 2.56 -2.33
C CYS A 7 -5.97 3.73 -1.67
N HIS A 8 -6.62 4.89 -1.66
CA HIS A 8 -5.96 6.14 -1.27
C HIS A 8 -5.48 6.13 0.17
N GLN A 9 -4.28 5.61 0.38
CA GLN A 9 -3.66 5.65 1.70
C GLN A 9 -2.19 6.00 1.57
N GLN A 10 -1.65 6.63 2.59
CA GLN A 10 -0.22 6.86 2.67
C GLN A 10 0.36 5.99 3.77
N ILE A 11 1.12 4.96 3.40
CA ILE A 11 1.64 4.06 4.40
C ILE A 11 3.06 4.50 4.78
N HIS A 12 3.21 4.96 6.03
CA HIS A 12 4.46 5.58 6.49
C HIS A 12 5.58 4.56 6.53
N ARG A 13 5.19 3.34 6.79
CA ARG A 13 6.05 2.19 6.60
C ARG A 13 5.21 1.16 5.87
N ASN A 14 5.83 0.14 5.32
CA ASN A 14 5.05 -0.93 4.72
C ASN A 14 4.19 -1.59 5.78
N ALA A 15 2.96 -1.12 5.83
CA ALA A 15 1.97 -1.54 6.81
C ALA A 15 1.19 -2.73 6.26
N PRO A 16 0.23 -3.30 7.04
CA PRO A 16 -0.64 -4.37 6.53
C PRO A 16 -1.08 -4.12 5.10
N ILE A 17 -0.56 -4.95 4.23
CA ILE A 17 -0.75 -4.84 2.80
C ILE A 17 -2.22 -5.08 2.46
N CYS A 18 -2.72 -4.45 1.40
CA CYS A 18 -4.14 -4.50 1.14
C CYS A 18 -4.44 -5.62 0.15
N PRO A 19 -5.67 -6.13 0.10
CA PRO A 19 -6.05 -7.16 -0.88
C PRO A 19 -5.68 -6.73 -2.30
N LEU A 20 -5.98 -5.48 -2.62
CA LEU A 20 -5.69 -4.94 -3.94
C LEU A 20 -4.29 -4.34 -4.01
N CYS A 21 -3.74 -3.91 -2.87
CA CYS A 21 -2.44 -3.26 -2.87
C CYS A 21 -1.32 -4.26 -2.61
N LYS A 22 -1.61 -5.55 -2.59
CA LYS A 22 -0.56 -6.56 -2.53
C LYS A 22 0.32 -6.41 -3.77
N ALA A 23 -0.25 -5.74 -4.74
CA ALA A 23 0.41 -5.41 -5.98
C ALA A 23 0.97 -3.98 -5.93
N LYS A 24 0.10 -3.03 -5.58
CA LYS A 24 0.43 -1.60 -5.67
C LYS A 24 1.28 -1.11 -4.49
N SER A 25 1.36 -1.91 -3.44
CA SER A 25 2.28 -1.60 -2.35
C SER A 25 3.64 -2.23 -2.65
N ARG A 26 3.69 -2.92 -3.79
CA ARG A 26 4.93 -3.50 -4.32
C ARG A 26 5.52 -4.50 -3.35
N SER A 27 4.67 -5.34 -2.81
CA SER A 27 5.08 -6.37 -1.88
C SER A 27 5.24 -7.71 -2.59
N MET A 1 8.71 4.70 3.05
CA MET A 1 7.24 4.89 2.90
C MET A 1 6.81 4.45 1.53
N LYS A 2 5.62 3.89 1.43
CA LYS A 2 5.08 3.49 0.13
C LYS A 2 3.72 4.12 -0.10
N ALA A 3 3.26 4.07 -1.33
CA ALA A 3 2.02 4.70 -1.72
C ALA A 3 0.97 3.65 -2.05
N CYS A 4 -0.10 3.67 -1.28
CA CYS A 4 -1.23 2.77 -1.46
C CYS A 4 -2.00 3.17 -2.72
N LEU A 5 -1.85 2.38 -3.78
CA LEU A 5 -2.61 2.60 -5.02
C LEU A 5 -3.85 1.72 -5.05
N SER A 6 -4.89 2.23 -5.71
CA SER A 6 -6.21 1.57 -5.82
C SER A 6 -6.94 1.62 -4.46
N CYS A 7 -6.21 2.01 -3.45
CA CYS A 7 -6.74 2.30 -2.14
C CYS A 7 -5.97 3.51 -1.65
N HIS A 8 -6.65 4.66 -1.64
CA HIS A 8 -5.96 5.95 -1.52
C HIS A 8 -5.35 6.14 -0.14
N GLN A 9 -4.15 5.61 0.05
CA GLN A 9 -3.43 5.81 1.31
C GLN A 9 -1.94 5.98 1.07
N GLN A 10 -1.26 6.59 2.01
CA GLN A 10 0.19 6.57 2.07
C GLN A 10 0.62 5.71 3.25
N ILE A 11 1.33 4.63 3.01
CA ILE A 11 1.80 3.82 4.12
C ILE A 11 3.21 4.26 4.50
N HIS A 12 3.32 4.81 5.71
CA HIS A 12 4.58 5.38 6.18
C HIS A 12 5.58 4.27 6.42
N ARG A 13 5.06 3.15 6.86
CA ARG A 13 5.81 1.92 6.94
C ARG A 13 4.90 0.80 6.49
N ASN A 14 5.49 -0.29 6.04
CA ASN A 14 4.71 -1.43 5.59
C ASN A 14 3.88 -2.00 6.74
N ALA A 15 2.64 -1.56 6.78
CA ALA A 15 1.64 -2.04 7.70
C ALA A 15 0.89 -3.20 7.06
N PRO A 16 -0.07 -3.85 7.76
CA PRO A 16 -0.97 -4.83 7.16
C PRO A 16 -1.39 -4.43 5.75
N ILE A 17 -0.79 -5.09 4.78
CA ILE A 17 -0.89 -4.72 3.38
C ILE A 17 -2.29 -5.02 2.85
N CYS A 18 -2.71 -4.30 1.83
CA CYS A 18 -4.08 -4.39 1.37
C CYS A 18 -4.14 -5.36 0.20
N PRO A 19 -5.28 -6.05 0.01
CA PRO A 19 -5.48 -6.97 -1.12
C PRO A 19 -5.34 -6.28 -2.47
N LEU A 20 -5.41 -4.95 -2.44
CA LEU A 20 -5.25 -4.14 -3.65
C LEU A 20 -3.79 -3.72 -3.78
N CYS A 21 -3.15 -3.53 -2.64
CA CYS A 21 -1.91 -2.79 -2.59
C CYS A 21 -0.69 -3.68 -2.40
N LYS A 22 -0.89 -4.92 -1.99
CA LYS A 22 0.21 -5.88 -1.96
C LYS A 22 0.75 -6.05 -3.36
N ALA A 23 -0.08 -5.66 -4.31
CA ALA A 23 0.23 -5.71 -5.71
C ALA A 23 0.62 -4.33 -6.26
N LYS A 24 -0.31 -3.38 -6.19
CA LYS A 24 -0.15 -2.09 -6.85
C LYS A 24 0.64 -1.08 -6.02
N SER A 25 0.74 -1.28 -4.72
CA SER A 25 1.54 -0.40 -3.89
C SER A 25 2.99 -0.86 -3.88
N ARG A 26 3.16 -2.10 -4.36
CA ARG A 26 4.46 -2.72 -4.52
C ARG A 26 5.16 -2.86 -3.17
N SER A 27 4.46 -3.50 -2.26
CA SER A 27 4.96 -3.72 -0.92
C SER A 27 6.05 -4.81 -0.92
N MET A 1 8.16 6.34 3.24
CA MET A 1 6.72 6.02 3.26
C MET A 1 6.30 5.46 1.91
N LYS A 2 5.44 4.45 1.92
CA LYS A 2 4.95 3.89 0.68
C LYS A 2 3.46 4.18 0.51
N ALA A 3 3.14 5.19 -0.28
CA ALA A 3 1.75 5.52 -0.57
C ALA A 3 1.18 4.51 -1.54
N CYS A 4 0.17 3.76 -1.12
CA CYS A 4 -0.38 2.72 -1.96
C CYS A 4 -1.41 3.28 -2.93
N LEU A 5 -1.35 2.79 -4.17
CA LEU A 5 -2.23 3.24 -5.24
C LEU A 5 -3.38 2.25 -5.45
N SER A 6 -4.44 2.72 -6.11
CA SER A 6 -5.68 1.97 -6.34
C SER A 6 -6.47 1.83 -5.02
N CYS A 7 -5.78 2.14 -3.95
CA CYS A 7 -6.36 2.43 -2.66
C CYS A 7 -5.34 3.32 -1.97
N HIS A 8 -5.65 4.60 -1.91
CA HIS A 8 -4.67 5.60 -1.50
C HIS A 8 -4.43 5.58 -0.01
N GLN A 9 -3.49 4.77 0.43
CA GLN A 9 -3.12 4.75 1.83
C GLN A 9 -1.63 5.02 1.98
N GLN A 10 -1.29 6.19 2.50
CA GLN A 10 0.09 6.50 2.77
C GLN A 10 0.53 5.79 4.03
N ILE A 11 1.32 4.75 3.88
CA ILE A 11 1.84 4.03 5.03
C ILE A 11 3.31 4.38 5.24
N HIS A 12 3.58 4.96 6.41
CA HIS A 12 4.93 5.43 6.75
C HIS A 12 5.90 4.26 6.68
N ARG A 13 5.45 3.15 7.20
CA ARG A 13 6.15 1.89 7.04
C ARG A 13 5.16 0.90 6.46
N ASN A 14 5.65 -0.22 5.93
CA ASN A 14 4.76 -1.22 5.35
C ASN A 14 3.82 -1.75 6.42
N ALA A 15 2.63 -1.19 6.41
CA ALA A 15 1.57 -1.52 7.35
C ALA A 15 0.85 -2.81 6.93
N PRO A 16 -0.15 -3.29 7.71
CA PRO A 16 -0.94 -4.47 7.34
C PRO A 16 -1.30 -4.52 5.86
N ILE A 17 -1.34 -5.74 5.35
CA ILE A 17 -1.45 -6.01 3.91
C ILE A 17 -2.69 -5.36 3.29
N CYS A 18 -2.48 -4.71 2.15
CA CYS A 18 -3.56 -4.12 1.38
C CYS A 18 -4.01 -5.11 0.32
N PRO A 19 -5.27 -5.57 0.38
CA PRO A 19 -5.78 -6.66 -0.47
C PRO A 19 -5.30 -6.57 -1.91
N LEU A 20 -5.31 -5.36 -2.46
CA LEU A 20 -4.93 -5.13 -3.83
C LEU A 20 -3.56 -4.49 -3.95
N CYS A 21 -3.20 -3.64 -3.00
CA CYS A 21 -2.00 -2.84 -3.10
C CYS A 21 -0.73 -3.66 -2.87
N LYS A 22 -0.86 -4.74 -2.11
CA LYS A 22 0.26 -5.65 -1.89
C LYS A 22 0.78 -6.12 -3.24
N ALA A 23 -0.14 -6.17 -4.18
CA ALA A 23 0.13 -6.69 -5.49
C ALA A 23 0.28 -5.57 -6.52
N LYS A 24 -0.78 -4.78 -6.68
CA LYS A 24 -0.82 -3.74 -7.70
C LYS A 24 0.11 -2.57 -7.36
N SER A 25 0.06 -2.12 -6.11
CA SER A 25 0.78 -0.92 -5.71
C SER A 25 2.21 -1.24 -5.31
N ARG A 26 2.53 -2.54 -5.29
CA ARG A 26 3.89 -3.01 -5.05
C ARG A 26 4.37 -2.62 -3.66
N SER A 27 3.49 -2.78 -2.66
CA SER A 27 3.81 -2.37 -1.31
C SER A 27 4.83 -3.31 -0.68
N MET A 1 8.68 4.78 3.56
CA MET A 1 7.24 4.98 3.30
C MET A 1 6.87 4.38 1.95
N LYS A 2 5.62 3.99 1.80
CA LYS A 2 5.13 3.48 0.54
C LYS A 2 3.79 4.14 0.22
N ALA A 3 3.34 3.96 -1.00
CA ALA A 3 2.12 4.60 -1.45
C ALA A 3 1.06 3.55 -1.76
N CYS A 4 -0.05 3.65 -1.05
CA CYS A 4 -1.19 2.77 -1.26
C CYS A 4 -1.91 3.16 -2.55
N LEU A 5 -1.72 2.35 -3.61
CA LEU A 5 -2.38 2.60 -4.88
C LEU A 5 -3.62 1.72 -5.01
N SER A 6 -4.62 2.23 -5.74
CA SER A 6 -5.93 1.57 -5.87
C SER A 6 -6.71 1.59 -4.55
N CYS A 7 -6.02 1.93 -3.48
CA CYS A 7 -6.63 2.21 -2.19
C CYS A 7 -5.89 3.43 -1.65
N HIS A 8 -6.56 4.58 -1.69
CA HIS A 8 -5.90 5.87 -1.50
C HIS A 8 -5.34 6.06 -0.10
N GLN A 9 -4.12 5.59 0.11
CA GLN A 9 -3.42 5.87 1.37
C GLN A 9 -1.92 6.08 1.13
N GLN A 10 -1.27 6.76 2.05
CA GLN A 10 0.19 6.76 2.13
C GLN A 10 0.60 5.99 3.37
N ILE A 11 1.26 4.86 3.20
CA ILE A 11 1.66 4.08 4.36
C ILE A 11 3.07 4.49 4.76
N HIS A 12 3.18 5.10 5.94
CA HIS A 12 4.45 5.67 6.40
C HIS A 12 5.45 4.57 6.66
N ARG A 13 4.95 3.47 7.18
CA ARG A 13 5.70 2.25 7.26
C ARG A 13 4.86 1.17 6.60
N ASN A 14 5.49 0.11 6.12
CA ASN A 14 4.73 -0.98 5.51
C ASN A 14 3.81 -1.63 6.55
N ALA A 15 2.58 -1.16 6.55
CA ALA A 15 1.55 -1.66 7.42
C ALA A 15 0.95 -2.93 6.83
N PRO A 16 0.02 -3.61 7.54
CA PRO A 16 -0.76 -4.70 6.98
C PRO A 16 -1.16 -4.41 5.54
N ILE A 17 -0.51 -5.12 4.63
CA ILE A 17 -0.65 -4.88 3.20
C ILE A 17 -2.09 -5.11 2.77
N CYS A 18 -2.53 -4.41 1.73
CA CYS A 18 -3.93 -4.45 1.36
C CYS A 18 -4.14 -5.48 0.27
N PRO A 19 -5.35 -6.03 0.13
CA PRO A 19 -5.68 -6.94 -0.98
C PRO A 19 -5.37 -6.32 -2.33
N LEU A 20 -5.52 -5.01 -2.40
CA LEU A 20 -5.24 -4.26 -3.61
C LEU A 20 -3.74 -3.96 -3.70
N CYS A 21 -3.21 -3.50 -2.60
CA CYS A 21 -1.91 -2.84 -2.58
C CYS A 21 -0.75 -3.83 -2.40
N LYS A 22 -1.06 -5.09 -2.15
CA LYS A 22 -0.05 -6.14 -2.21
C LYS A 22 0.48 -6.20 -3.63
N ALA A 23 -0.37 -5.76 -4.53
CA ALA A 23 -0.08 -5.73 -5.94
C ALA A 23 0.29 -4.31 -6.38
N LYS A 24 -0.66 -3.39 -6.23
CA LYS A 24 -0.53 -2.04 -6.75
C LYS A 24 0.57 -1.24 -6.06
N SER A 25 0.70 -1.37 -4.74
CA SER A 25 1.71 -0.63 -4.01
C SER A 25 3.08 -1.28 -4.17
N ARG A 26 3.08 -2.47 -4.77
CA ARG A 26 4.29 -3.19 -5.12
C ARG A 26 5.13 -3.48 -3.87
N SER A 27 4.46 -3.79 -2.77
CA SER A 27 5.14 -4.06 -1.52
C SER A 27 5.88 -5.40 -1.61
N MET A 1 7.65 7.42 3.28
CA MET A 1 6.39 6.66 3.29
C MET A 1 6.13 6.04 1.93
N LYS A 2 5.40 4.94 1.92
CA LYS A 2 5.10 4.22 0.69
C LYS A 2 3.65 4.53 0.28
N ALA A 3 3.37 4.35 -0.99
CA ALA A 3 2.08 4.72 -1.55
C ALA A 3 1.13 3.53 -1.61
N CYS A 4 0.05 3.65 -0.84
CA CYS A 4 -1.06 2.73 -0.91
C CYS A 4 -1.94 3.18 -2.08
N LEU A 5 -1.88 2.45 -3.19
CA LEU A 5 -2.57 2.84 -4.40
C LEU A 5 -3.76 1.94 -4.67
N SER A 6 -4.71 2.44 -5.46
CA SER A 6 -6.00 1.80 -5.70
C SER A 6 -6.86 1.86 -4.43
N CYS A 7 -6.20 2.19 -3.34
CA CYS A 7 -6.82 2.58 -2.09
C CYS A 7 -6.04 3.77 -1.59
N HIS A 8 -6.61 4.96 -1.68
CA HIS A 8 -5.82 6.18 -1.50
C HIS A 8 -5.38 6.40 -0.05
N GLN A 9 -4.29 5.75 0.33
CA GLN A 9 -3.61 6.05 1.58
C GLN A 9 -2.12 6.11 1.35
N GLN A 10 -1.38 6.76 2.23
CA GLN A 10 0.07 6.66 2.23
C GLN A 10 0.52 5.90 3.46
N ILE A 11 1.18 4.78 3.25
CA ILE A 11 1.57 3.93 4.37
C ILE A 11 3.02 4.20 4.76
N HIS A 12 3.24 4.73 5.96
CA HIS A 12 4.57 5.15 6.41
C HIS A 12 5.61 4.10 6.08
N ARG A 13 5.49 2.97 6.75
CA ARG A 13 6.21 1.77 6.39
C ARG A 13 5.20 0.84 5.73
N ASN A 14 5.67 -0.20 5.06
CA ASN A 14 4.76 -1.16 4.47
C ASN A 14 3.91 -1.79 5.56
N ALA A 15 2.72 -1.25 5.67
CA ALA A 15 1.75 -1.61 6.67
C ALA A 15 0.92 -2.81 6.20
N PRO A 16 -0.03 -3.34 7.02
CA PRO A 16 -0.91 -4.41 6.59
C PRO A 16 -1.36 -4.29 5.15
N ILE A 17 -1.03 -5.30 4.38
CA ILE A 17 -1.23 -5.33 2.95
C ILE A 17 -2.71 -5.20 2.61
N CYS A 18 -3.04 -4.49 1.54
CA CYS A 18 -4.43 -4.34 1.17
C CYS A 18 -4.74 -5.40 0.12
N PRO A 19 -6.01 -5.74 -0.10
CA PRO A 19 -6.40 -6.63 -1.21
C PRO A 19 -6.03 -6.03 -2.56
N LEU A 20 -5.66 -4.75 -2.54
CA LEU A 20 -5.21 -4.05 -3.73
C LEU A 20 -3.68 -3.87 -3.69
N CYS A 21 -3.17 -3.41 -2.55
CA CYS A 21 -1.74 -3.13 -2.40
C CYS A 21 -0.94 -4.41 -2.16
N LYS A 22 -1.58 -5.57 -2.24
CA LYS A 22 -0.84 -6.81 -2.32
C LYS A 22 -0.02 -6.76 -3.60
N ALA A 23 -0.54 -5.98 -4.53
CA ALA A 23 0.12 -5.67 -5.77
C ALA A 23 0.69 -4.26 -5.74
N LYS A 24 -0.16 -3.29 -5.42
CA LYS A 24 0.14 -1.88 -5.57
C LYS A 24 1.21 -1.38 -4.59
N SER A 25 1.50 -2.14 -3.55
CA SER A 25 2.57 -1.76 -2.64
C SER A 25 3.91 -2.11 -3.25
N ARG A 26 3.85 -3.01 -4.24
CA ARG A 26 5.00 -3.42 -5.02
C ARG A 26 6.09 -3.98 -4.11
N SER A 27 5.65 -4.64 -3.06
CA SER A 27 6.55 -5.15 -2.04
C SER A 27 6.58 -6.68 -2.10
N MET A 1 8.03 4.31 3.84
CA MET A 1 7.14 5.40 3.39
C MET A 1 6.81 5.25 1.91
N LYS A 2 5.61 4.76 1.60
CA LYS A 2 5.17 4.72 0.22
C LYS A 2 3.68 4.99 0.13
N ALA A 3 3.15 4.90 -1.09
CA ALA A 3 1.78 5.25 -1.35
C ALA A 3 0.94 4.03 -1.66
N CYS A 4 -0.15 3.90 -0.93
CA CYS A 4 -1.15 2.89 -1.18
C CYS A 4 -1.85 3.17 -2.51
N LEU A 5 -1.53 2.38 -3.53
CA LEU A 5 -2.13 2.54 -4.84
C LEU A 5 -3.39 1.68 -4.96
N SER A 6 -4.38 2.21 -5.68
CA SER A 6 -5.69 1.55 -5.89
C SER A 6 -6.55 1.65 -4.63
N CYS A 7 -5.93 2.05 -3.54
CA CYS A 7 -6.63 2.44 -2.34
C CYS A 7 -5.88 3.65 -1.78
N HIS A 8 -6.48 4.82 -1.93
CA HIS A 8 -5.77 6.09 -1.71
C HIS A 8 -5.33 6.26 -0.27
N GLN A 9 -4.16 5.72 0.06
CA GLN A 9 -3.58 5.91 1.38
C GLN A 9 -2.08 6.17 1.28
N GLN A 10 -1.51 6.76 2.31
CA GLN A 10 -0.05 6.87 2.42
C GLN A 10 0.42 5.97 3.55
N ILE A 11 1.18 4.94 3.22
CA ILE A 11 1.64 4.04 4.26
C ILE A 11 3.02 4.47 4.72
N HIS A 12 3.09 4.89 5.98
CA HIS A 12 4.31 5.45 6.55
C HIS A 12 5.37 4.38 6.65
N ARG A 13 5.05 3.30 7.32
CA ARG A 13 5.84 2.11 7.25
C ARG A 13 5.00 1.02 6.64
N ASN A 14 5.64 0.09 5.94
CA ASN A 14 4.93 -1.03 5.38
C ASN A 14 4.30 -1.89 6.48
N ALA A 15 3.04 -1.61 6.73
CA ALA A 15 2.20 -2.37 7.61
C ALA A 15 1.46 -3.41 6.78
N PRO A 16 0.61 -4.28 7.37
CA PRO A 16 -0.23 -5.19 6.57
C PRO A 16 -0.85 -4.48 5.37
N ILE A 17 -0.32 -4.81 4.20
CA ILE A 17 -0.71 -4.16 2.96
C ILE A 17 -2.06 -4.71 2.50
N CYS A 18 -2.76 -3.94 1.66
CA CYS A 18 -4.15 -4.23 1.37
C CYS A 18 -4.25 -5.21 0.22
N PRO A 19 -5.35 -5.96 0.11
CA PRO A 19 -5.58 -6.91 -0.99
C PRO A 19 -5.12 -6.38 -2.36
N LEU A 20 -5.62 -5.21 -2.73
CA LEU A 20 -5.26 -4.59 -4.00
C LEU A 20 -3.88 -3.93 -3.96
N CYS A 21 -3.40 -3.61 -2.77
CA CYS A 21 -2.17 -2.83 -2.63
C CYS A 21 -0.94 -3.71 -2.50
N LYS A 22 -1.09 -4.92 -1.96
CA LYS A 22 0.03 -5.85 -1.89
C LYS A 22 0.50 -6.16 -3.29
N ALA A 23 -0.39 -5.90 -4.22
CA ALA A 23 -0.15 -6.08 -5.62
C ALA A 23 0.36 -4.79 -6.26
N LYS A 24 -0.50 -3.78 -6.30
CA LYS A 24 -0.25 -2.56 -7.05
C LYS A 24 0.68 -1.60 -6.31
N SER A 25 0.59 -1.56 -4.99
CA SER A 25 1.47 -0.69 -4.19
C SER A 25 2.84 -1.34 -4.05
N ARG A 26 2.90 -2.61 -4.48
CA ARG A 26 4.14 -3.37 -4.58
C ARG A 26 4.70 -3.70 -3.20
N SER A 27 4.10 -4.69 -2.54
CA SER A 27 4.55 -5.13 -1.24
C SER A 27 5.63 -6.20 -1.40
N MET A 1 7.90 6.68 4.38
CA MET A 1 6.47 6.32 4.25
C MET A 1 6.23 5.68 2.89
N LYS A 2 5.37 4.67 2.85
CA LYS A 2 5.12 3.96 1.63
C LYS A 2 3.76 4.38 1.06
N ALA A 3 3.60 4.24 -0.23
CA ALA A 3 2.42 4.74 -0.91
C ALA A 3 1.44 3.62 -1.22
N CYS A 4 0.20 3.82 -0.83
CA CYS A 4 -0.87 2.91 -1.17
C CYS A 4 -1.50 3.33 -2.48
N LEU A 5 -1.29 2.53 -3.54
CA LEU A 5 -1.98 2.74 -4.81
C LEU A 5 -3.00 1.62 -5.03
N SER A 6 -4.27 2.02 -5.14
CA SER A 6 -5.47 1.15 -5.10
C SER A 6 -6.11 1.26 -3.71
N CYS A 7 -5.37 1.82 -2.79
CA CYS A 7 -5.91 2.39 -1.57
C CYS A 7 -5.40 3.80 -1.51
N HIS A 8 -6.21 4.80 -1.79
CA HIS A 8 -5.67 6.17 -1.85
C HIS A 8 -5.19 6.61 -0.48
N GLN A 9 -3.97 6.19 -0.12
CA GLN A 9 -3.39 6.50 1.19
C GLN A 9 -1.87 6.43 1.16
N GLN A 10 -1.25 7.11 2.11
CA GLN A 10 0.17 6.97 2.36
C GLN A 10 0.37 6.29 3.71
N ILE A 11 1.04 5.15 3.72
CA ILE A 11 1.25 4.42 4.95
C ILE A 11 2.60 4.84 5.56
N HIS A 12 2.52 5.46 6.73
CA HIS A 12 3.69 6.00 7.42
C HIS A 12 4.65 4.87 7.75
N ARG A 13 4.17 3.93 8.55
CA ARG A 13 4.88 2.69 8.76
C ARG A 13 4.53 1.74 7.62
N ASN A 14 5.45 0.86 7.26
CA ASN A 14 5.16 -0.15 6.27
C ASN A 14 4.05 -1.06 6.77
N ALA A 15 2.84 -0.74 6.35
CA ALA A 15 1.64 -1.44 6.76
C ALA A 15 1.59 -2.84 6.17
N PRO A 16 0.91 -3.76 6.87
CA PRO A 16 0.58 -5.08 6.35
C PRO A 16 -0.03 -4.99 4.95
N ILE A 17 0.20 -6.02 4.18
CA ILE A 17 -0.24 -6.05 2.79
C ILE A 17 -1.74 -5.85 2.68
N CYS A 18 -2.18 -4.67 2.24
CA CYS A 18 -3.59 -4.48 1.95
C CYS A 18 -3.91 -5.31 0.71
N PRO A 19 -5.10 -5.91 0.63
CA PRO A 19 -5.51 -6.69 -0.53
C PRO A 19 -5.72 -5.82 -1.78
N LEU A 20 -5.43 -4.53 -1.69
CA LEU A 20 -5.66 -3.62 -2.80
C LEU A 20 -4.36 -3.22 -3.50
N CYS A 21 -3.46 -2.56 -2.77
CA CYS A 21 -2.36 -1.85 -3.40
C CYS A 21 -1.21 -2.74 -3.78
N LYS A 22 -0.43 -3.14 -2.78
CA LYS A 22 0.83 -3.86 -2.99
C LYS A 22 0.66 -5.01 -3.97
N ALA A 23 -0.56 -5.49 -4.11
CA ALA A 23 -0.80 -6.62 -4.98
C ALA A 23 -0.58 -6.26 -6.44
N LYS A 24 -1.10 -5.10 -6.85
CA LYS A 24 -0.89 -4.61 -8.21
C LYS A 24 0.24 -3.58 -8.24
N SER A 25 0.55 -3.05 -7.06
CA SER A 25 1.54 -2.00 -6.92
C SER A 25 2.96 -2.57 -6.90
N ARG A 26 3.23 -3.47 -5.95
CA ARG A 26 4.61 -3.90 -5.69
C ARG A 26 4.67 -5.31 -5.11
N SER A 27 4.32 -5.44 -3.84
CA SER A 27 4.48 -6.69 -3.10
C SER A 27 3.27 -7.61 -3.29
N MET A 1 8.26 5.69 4.11
CA MET A 1 6.84 5.90 3.76
C MET A 1 6.60 5.56 2.30
N LYS A 2 5.74 4.58 2.05
CA LYS A 2 5.45 4.19 0.69
C LYS A 2 3.99 4.51 0.39
N ALA A 3 3.60 4.36 -0.87
CA ALA A 3 2.26 4.72 -1.29
C ALA A 3 1.37 3.50 -1.46
N CYS A 4 0.10 3.71 -1.20
CA CYS A 4 -0.95 2.73 -1.42
C CYS A 4 -1.70 3.09 -2.70
N LEU A 5 -1.53 2.28 -3.74
CA LEU A 5 -2.18 2.53 -5.02
C LEU A 5 -3.44 1.68 -5.15
N SER A 6 -4.45 2.23 -5.83
CA SER A 6 -5.76 1.60 -6.01
C SER A 6 -6.56 1.69 -4.71
N CYS A 7 -5.88 2.09 -3.65
CA CYS A 7 -6.49 2.42 -2.38
C CYS A 7 -5.74 3.62 -1.83
N HIS A 8 -6.37 4.78 -1.86
CA HIS A 8 -5.70 6.05 -1.60
C HIS A 8 -5.14 6.14 -0.19
N GLN A 9 -3.95 5.62 0.02
CA GLN A 9 -3.28 5.75 1.31
C GLN A 9 -1.78 5.94 1.15
N GLN A 10 -1.16 6.54 2.15
CA GLN A 10 0.29 6.50 2.27
C GLN A 10 0.66 5.66 3.49
N ILE A 11 1.42 4.60 3.29
CA ILE A 11 1.84 3.77 4.40
C ILE A 11 3.18 4.28 4.91
N HIS A 12 3.18 4.81 6.13
CA HIS A 12 4.36 5.48 6.68
C HIS A 12 5.43 4.45 6.96
N ARG A 13 5.00 3.38 7.59
CA ARG A 13 5.79 2.17 7.69
C ARG A 13 5.03 1.09 6.96
N ASN A 14 5.72 0.07 6.48
CA ASN A 14 5.05 -1.06 5.87
C ASN A 14 4.19 -1.74 6.94
N ALA A 15 2.93 -1.38 6.94
CA ALA A 15 1.94 -1.90 7.86
C ALA A 15 1.16 -3.00 7.15
N PRO A 16 0.17 -3.65 7.81
CA PRO A 16 -0.71 -4.62 7.14
C PRO A 16 -1.11 -4.15 5.75
N ILE A 17 -0.54 -4.82 4.77
CA ILE A 17 -0.71 -4.48 3.36
C ILE A 17 -2.10 -4.83 2.90
N CYS A 18 -2.61 -4.14 1.88
CA CYS A 18 -3.97 -4.34 1.46
C CYS A 18 -3.98 -5.36 0.34
N PRO A 19 -5.01 -6.22 0.27
CA PRO A 19 -5.09 -7.27 -0.75
C PRO A 19 -4.74 -6.77 -2.15
N LEU A 20 -5.29 -5.60 -2.50
CA LEU A 20 -5.07 -5.02 -3.82
C LEU A 20 -3.75 -4.23 -3.90
N CYS A 21 -3.19 -3.86 -2.76
CA CYS A 21 -2.04 -2.96 -2.75
C CYS A 21 -0.71 -3.72 -2.74
N LYS A 22 -0.72 -4.95 -2.26
CA LYS A 22 0.46 -5.81 -2.40
C LYS A 22 0.67 -6.09 -3.88
N ALA A 23 -0.39 -5.82 -4.62
CA ALA A 23 -0.44 -6.05 -6.04
C ALA A 23 -0.18 -4.76 -6.81
N LYS A 24 -1.07 -3.78 -6.66
CA LYS A 24 -1.02 -2.56 -7.45
C LYS A 24 0.11 -1.63 -7.01
N SER A 25 0.31 -1.47 -5.70
CA SER A 25 1.38 -0.60 -5.21
C SER A 25 2.62 -1.40 -4.87
N ARG A 26 2.62 -2.67 -5.27
CA ARG A 26 3.80 -3.51 -5.20
C ARG A 26 4.31 -3.63 -3.77
N SER A 27 3.39 -3.61 -2.82
CA SER A 27 3.75 -3.63 -1.41
C SER A 27 4.11 -5.04 -0.96
N MET A 1 8.45 3.80 4.25
CA MET A 1 7.10 4.30 3.87
C MET A 1 6.70 3.70 2.53
N LYS A 2 5.42 3.41 2.40
CA LYS A 2 4.88 2.90 1.13
C LYS A 2 3.69 3.75 0.71
N ALA A 3 3.30 3.61 -0.54
CA ALA A 3 2.22 4.41 -1.09
C ALA A 3 1.12 3.54 -1.66
N CYS A 4 0.01 3.44 -0.94
CA CYS A 4 -1.15 2.70 -1.42
C CYS A 4 -1.77 3.38 -2.63
N LEU A 5 -1.61 2.76 -3.80
CA LEU A 5 -2.37 3.16 -4.97
C LEU A 5 -3.58 2.22 -5.11
N SER A 6 -4.56 2.65 -5.91
CA SER A 6 -5.84 1.93 -6.06
C SER A 6 -6.68 2.04 -4.77
N CYS A 7 -6.01 2.49 -3.72
CA CYS A 7 -6.63 2.89 -2.47
C CYS A 7 -5.71 3.93 -1.87
N HIS A 8 -6.11 5.19 -1.92
CA HIS A 8 -5.22 6.28 -1.52
C HIS A 8 -4.90 6.25 -0.04
N GLN A 9 -3.91 5.46 0.33
CA GLN A 9 -3.44 5.41 1.72
C GLN A 9 -1.92 5.27 1.79
N GLN A 10 -1.22 6.38 1.73
CA GLN A 10 0.23 6.36 1.87
C GLN A 10 0.59 5.97 3.29
N ILE A 11 1.12 4.77 3.44
CA ILE A 11 1.40 4.22 4.74
C ILE A 11 2.83 4.54 5.15
N HIS A 12 2.96 5.34 6.22
CA HIS A 12 4.25 5.82 6.69
C HIS A 12 5.06 4.68 7.27
N ARG A 13 4.59 4.14 8.37
CA ARG A 13 5.16 2.91 8.90
C ARG A 13 4.77 1.78 7.96
N ASN A 14 5.74 1.02 7.51
CA ASN A 14 5.49 -0.05 6.56
C ASN A 14 4.57 -1.08 7.18
N ALA A 15 3.30 -0.95 6.87
CA ALA A 15 2.27 -1.84 7.36
C ALA A 15 1.98 -2.94 6.36
N PRO A 16 1.27 -4.00 6.79
CA PRO A 16 0.73 -4.99 5.86
C PRO A 16 -0.21 -4.34 4.87
N ILE A 17 0.28 -4.18 3.67
CA ILE A 17 -0.41 -3.46 2.61
C ILE A 17 -1.66 -4.25 2.17
N CYS A 18 -2.60 -3.57 1.55
CA CYS A 18 -3.93 -4.13 1.33
C CYS A 18 -3.86 -5.21 0.25
N PRO A 19 -4.77 -6.19 0.26
CA PRO A 19 -4.78 -7.27 -0.72
C PRO A 19 -4.56 -6.77 -2.15
N LEU A 20 -5.30 -5.72 -2.52
CA LEU A 20 -5.20 -5.15 -3.85
C LEU A 20 -3.90 -4.35 -4.03
N CYS A 21 -3.52 -3.59 -3.00
CA CYS A 21 -2.44 -2.64 -3.14
C CYS A 21 -1.07 -3.31 -3.03
N LYS A 22 -0.95 -4.29 -2.16
CA LYS A 22 0.32 -5.01 -2.00
C LYS A 22 0.70 -5.67 -3.31
N ALA A 23 -0.31 -5.87 -4.13
CA ALA A 23 -0.18 -6.59 -5.36
C ALA A 23 -0.10 -5.66 -6.56
N LYS A 24 -1.16 -4.89 -6.76
CA LYS A 24 -1.25 -3.97 -7.89
C LYS A 24 -0.31 -2.79 -7.72
N SER A 25 -0.11 -2.38 -6.48
CA SER A 25 0.64 -1.17 -6.19
C SER A 25 1.88 -1.47 -5.35
N ARG A 26 2.36 -2.72 -5.44
CA ARG A 26 3.59 -3.16 -4.80
C ARG A 26 3.41 -3.31 -3.29
N SER A 27 4.13 -4.25 -2.71
CA SER A 27 4.12 -4.43 -1.28
C SER A 27 5.20 -3.56 -0.62
#